data_3KYT
#
_entry.id   3KYT
#
_cell.length_a   53.978
_cell.length_b   53.978
_cell.length_c   162.583
_cell.angle_alpha   90.00
_cell.angle_beta   90.00
_cell.angle_gamma   90.00
#
_symmetry.space_group_name_H-M   'P 41 21 2'
#
loop_
_entity.id
_entity.type
_entity.pdbx_description
1 polymer 'Nuclear receptor ROR-gamma'
2 polymer 'Nuclear receptor coactivator 2'
3 non-polymer 20-HYDROXYCHOLESTEROL
4 water water
#
loop_
_entity_poly.entity_id
_entity_poly.type
_entity_poly.pdbx_seq_one_letter_code
_entity_poly.pdbx_strand_id
1 'polypeptide(L)'
;ASLTEIEHLVQSVCKSYRETCQLRLEDLLRQRSNIFSREEVTGYQRKSMWEMWERCAHHLTEAIQYVVEFAKRLSGFMEL
CQNDQIVLLKAGAMEVVLVRMCRAYNADNRTVFFEGKYGGMELFRALGCSELISSIFDFSHSLSALHFSEDEIALYTALV
LINAHRPGLQEKRKVEQLQYNLELAFHHHLCKTHRQSILAKLPPKGKLRSLCSQHVERLQIFQHLHPIVVQAAFPPLYKE
LFS
;
A
2 'polypeptide(L)' KHKILHRLLQDS C
#
loop_
_chem_comp.id
_chem_comp.type
_chem_comp.name
_chem_comp.formula
HC2 non-polymer 20-HYDROXYCHOLESTEROL 'C27 H46 O2'
#
# COMPACT_ATOMS: atom_id res chain seq x y z
N ALA A 1 -23.65 3.77 -13.17
CA ALA A 1 -24.86 3.42 -13.96
C ALA A 1 -25.15 4.42 -15.10
N SER A 2 -24.17 5.29 -15.37
CA SER A 2 -24.32 6.37 -16.37
C SER A 2 -22.92 6.74 -16.88
N LEU A 3 -22.77 7.23 -18.11
CA LEU A 3 -21.40 7.57 -18.58
C LEU A 3 -20.81 8.76 -17.85
N THR A 4 -21.62 9.80 -17.76
CA THR A 4 -21.35 10.97 -16.97
C THR A 4 -21.02 10.62 -15.51
N GLU A 5 -21.67 9.59 -14.96
CA GLU A 5 -21.44 9.22 -13.58
C GLU A 5 -20.08 8.58 -13.42
N ILE A 6 -19.60 7.89 -14.45
CA ILE A 6 -18.32 7.23 -14.32
C ILE A 6 -17.16 8.20 -14.66
N GLU A 7 -17.44 9.18 -15.51
CA GLU A 7 -16.54 10.33 -15.70
C GLU A 7 -16.26 11.08 -14.40
N HIS A 8 -17.31 11.18 -13.58
CA HIS A 8 -17.21 11.83 -12.31
C HIS A 8 -16.44 10.94 -11.34
N LEU A 9 -16.63 9.62 -11.49
CA LEU A 9 -15.97 8.67 -10.63
C LEU A 9 -14.44 8.71 -10.85
N VAL A 10 -14.02 8.80 -12.11
CA VAL A 10 -12.60 8.99 -12.46
C VAL A 10 -12.06 10.24 -11.73
N GLN A 11 -12.81 11.33 -11.80
CA GLN A 11 -12.37 12.59 -11.27
C GLN A 11 -12.27 12.51 -9.74
N SER A 12 -13.35 12.03 -9.15
CA SER A 12 -13.44 11.74 -7.73
C SER A 12 -12.21 10.97 -7.19
N VAL A 13 -11.88 9.86 -7.83
CA VAL A 13 -10.81 8.99 -7.35
C VAL A 13 -9.42 9.65 -7.44
N CYS A 14 -9.15 10.30 -8.58
CA CYS A 14 -7.90 10.97 -8.83
C CYS A 14 -7.64 12.06 -7.84
N LYS A 15 -8.66 12.84 -7.52
CA LYS A 15 -8.55 13.96 -6.62
C LYS A 15 -8.38 13.44 -5.23
N SER A 16 -9.17 12.41 -4.87
CA SER A 16 -9.11 11.74 -3.56
C SER A 16 -7.70 11.17 -3.33
N TYR A 17 -7.18 10.51 -4.36
CA TYR A 17 -5.79 10.13 -4.35
C TYR A 17 -4.81 11.27 -4.01
N ARG A 18 -4.93 12.42 -4.67
CA ARG A 18 -3.99 13.52 -4.42
C ARG A 18 -4.08 14.06 -3.00
N GLU A 19 -5.28 14.08 -2.44
CA GLU A 19 -5.48 14.57 -1.11
C GLU A 19 -4.98 13.56 -0.06
N THR A 20 -4.69 12.31 -0.46
CA THR A 20 -4.32 11.29 0.53
C THR A 20 -3.00 10.58 0.17
N CYS A 21 -2.23 11.17 -0.73
CA CYS A 21 -1.07 10.47 -1.30
C CYS A 21 0.17 10.52 -0.41
N GLN A 22 0.04 11.15 0.76
CA GLN A 22 1.12 11.34 1.74
C GLN A 22 2.29 12.23 1.26
N LEU A 23 2.89 11.92 0.10
CA LEU A 23 3.88 12.78 -0.55
C LEU A 23 3.59 12.84 -2.06
N ARG A 24 3.76 14.03 -2.62
CA ARG A 24 3.60 14.25 -4.05
C ARG A 24 4.76 13.66 -4.81
N LEU A 25 4.46 13.11 -5.98
CA LEU A 25 5.43 12.28 -6.72
C LEU A 25 6.76 12.98 -6.84
N GLU A 26 6.74 14.27 -7.19
CA GLU A 26 8.02 15.00 -7.37
C GLU A 26 8.81 15.34 -6.11
N ASP A 27 8.19 15.38 -4.94
CA ASP A 27 8.98 15.42 -3.68
C ASP A 27 9.76 14.13 -3.50
N LEU A 28 9.23 13.02 -4.02
CA LEU A 28 10.00 11.81 -4.01
C LEU A 28 11.09 11.86 -5.06
N LEU A 29 10.70 12.18 -6.30
CA LEU A 29 11.64 12.21 -7.44
C LEU A 29 12.82 13.14 -7.18
N ARG A 30 12.56 14.28 -6.55
CA ARG A 30 13.61 15.24 -6.38
C ARG A 30 14.71 14.76 -5.41
N GLN A 31 14.39 13.78 -4.58
CA GLN A 31 15.28 13.37 -3.49
C GLN A 31 16.12 12.16 -3.81
N ARG A 32 16.09 11.74 -5.07
CA ARG A 32 16.68 10.50 -5.51
C ARG A 32 18.18 10.39 -5.37
N SER A 33 18.84 11.52 -5.57
CA SER A 33 20.27 11.64 -5.41
C SER A 33 20.65 11.89 -3.92
N ASN A 34 19.68 11.88 -3.01
CA ASN A 34 20.07 11.76 -1.57
C ASN A 34 20.10 10.31 -1.14
N ILE A 35 21.32 9.78 -1.11
CA ILE A 35 21.54 8.37 -0.95
C ILE A 35 22.27 8.19 0.33
N PHE A 36 21.81 7.25 1.15
CA PHE A 36 22.41 6.97 2.44
C PHE A 36 23.89 6.65 2.30
N SER A 37 24.74 7.28 3.13
CA SER A 37 26.17 6.93 3.06
C SER A 37 26.44 5.50 3.58
N ARG A 38 27.59 4.98 3.19
CA ARG A 38 28.09 3.74 3.72
C ARG A 38 28.04 3.71 5.25
N GLU A 39 28.53 4.77 5.90
CA GLU A 39 28.47 4.88 7.36
C GLU A 39 27.01 4.96 7.87
N GLU A 40 26.12 5.60 7.13
CA GLU A 40 24.72 5.64 7.55
C GLU A 40 24.02 4.30 7.33
N VAL A 41 24.44 3.53 6.35
CA VAL A 41 23.90 2.19 6.21
C VAL A 41 24.30 1.30 7.39
N THR A 42 25.56 1.35 7.81
CA THR A 42 25.98 0.49 8.93
C THR A 42 25.37 0.90 10.26
N GLY A 43 25.01 2.18 10.38
CA GLY A 43 24.19 2.60 11.52
C GLY A 43 22.82 1.89 11.61
N TYR A 44 22.12 1.79 10.46
CA TYR A 44 20.84 1.08 10.37
C TYR A 44 21.04 -0.39 10.57
N GLN A 45 22.11 -0.90 9.97
CA GLN A 45 22.47 -2.30 10.12
C GLN A 45 22.92 -2.71 11.52
N ARG A 46 23.20 -1.73 12.40
CA ARG A 46 23.62 -2.00 13.76
C ARG A 46 22.50 -1.92 14.76
N LYS A 47 21.35 -1.47 14.31
CA LYS A 47 20.15 -1.46 15.15
C LYS A 47 19.73 -2.89 15.40
N SER A 48 19.18 -3.17 16.57
CA SER A 48 18.70 -4.53 16.78
C SER A 48 17.56 -4.90 15.82
N MET A 49 17.29 -6.19 15.73
CA MET A 49 16.12 -6.64 15.02
C MET A 49 14.77 -5.97 15.45
N TRP A 50 14.49 -5.98 16.73
CA TRP A 50 13.23 -5.40 17.17
C TRP A 50 13.21 -3.89 16.91
N GLU A 51 14.36 -3.23 17.07
CA GLU A 51 14.43 -1.77 16.82
C GLU A 51 14.24 -1.41 15.34
N MET A 52 14.81 -2.20 14.41
CA MET A 52 14.55 -1.97 13.01
C MET A 52 13.08 -2.28 12.73
N TRP A 53 12.55 -3.39 13.25
CA TRP A 53 11.13 -3.70 13.05
C TRP A 53 10.16 -2.59 13.46
N GLU A 54 10.34 -2.06 14.67
CA GLU A 54 9.49 -1.00 15.13
C GLU A 54 9.66 0.34 14.38
N ARG A 55 10.88 0.69 13.95
CA ARG A 55 11.07 1.85 13.05
C ARG A 55 10.36 1.61 11.72
N CYS A 56 10.47 0.40 11.17
CA CYS A 56 9.80 0.05 9.89
C CYS A 56 8.29 -0.02 10.01
N ALA A 57 7.80 -0.71 11.04
CA ALA A 57 6.38 -0.74 11.36
C ALA A 57 5.80 0.65 11.52
N HIS A 58 6.59 1.57 12.08
CA HIS A 58 6.09 2.94 12.33
C HIS A 58 5.84 3.66 11.02
N HIS A 59 6.83 3.62 10.15
CA HIS A 59 6.74 4.28 8.86
C HIS A 59 5.66 3.63 7.96
N LEU A 60 5.47 2.32 8.11
CA LEU A 60 4.54 1.59 7.25
C LEU A 60 3.15 2.03 7.62
N THR A 61 2.94 2.14 8.91
CA THR A 61 1.69 2.52 9.51
C THR A 61 1.33 3.98 9.28
N GLU A 62 2.31 4.88 9.24
CA GLU A 62 1.96 6.23 8.83
C GLU A 62 1.58 6.21 7.34
N ALA A 63 2.22 5.39 6.51
CA ALA A 63 1.77 5.26 5.10
C ALA A 63 0.33 4.67 5.03
N ILE A 64 0.04 3.72 5.91
CA ILE A 64 -1.24 3.01 5.91
C ILE A 64 -2.42 3.89 6.34
N GLN A 65 -2.16 4.84 7.23
CA GLN A 65 -3.17 5.82 7.60
C GLN A 65 -3.66 6.66 6.41
N TYR A 66 -2.75 7.03 5.52
CA TYR A 66 -3.13 7.69 4.27
C TYR A 66 -4.03 6.77 3.37
N VAL A 67 -3.63 5.51 3.22
CA VAL A 67 -4.39 4.48 2.53
C VAL A 67 -5.80 4.34 3.12
N VAL A 68 -5.91 4.38 4.46
CA VAL A 68 -7.22 4.30 5.12
C VAL A 68 -8.09 5.53 4.78
N GLU A 69 -7.51 6.72 4.85
CA GLU A 69 -8.19 7.94 4.39
C GLU A 69 -8.63 7.86 2.94
N PHE A 70 -7.74 7.39 2.06
CA PHE A 70 -8.07 7.08 0.66
C PHE A 70 -9.29 6.15 0.49
N ALA A 71 -9.28 5.00 1.18
CA ALA A 71 -10.41 4.04 1.11
C ALA A 71 -11.79 4.64 1.55
N LYS A 72 -11.80 5.34 2.69
CA LYS A 72 -12.92 6.10 3.19
C LYS A 72 -13.55 6.99 2.12
N ARG A 73 -12.69 7.57 1.27
CA ARG A 73 -13.09 8.43 0.15
C ARG A 73 -13.51 7.70 -1.16
N LEU A 74 -13.44 6.37 -1.19
CA LEU A 74 -13.88 5.61 -2.37
C LEU A 74 -15.37 5.41 -2.32
N SER A 75 -16.06 5.60 -3.45
CA SER A 75 -17.53 5.56 -3.54
C SER A 75 -18.15 4.32 -2.94
N GLY A 76 -19.21 4.56 -2.17
CA GLY A 76 -19.87 3.55 -1.38
C GLY A 76 -19.10 2.90 -0.25
N PHE A 77 -17.81 3.15 -0.08
CA PHE A 77 -17.07 2.44 0.98
C PHE A 77 -17.68 2.57 2.43
N MET A 78 -18.14 3.77 2.77
CA MET A 78 -18.66 4.04 4.12
C MET A 78 -20.09 3.50 4.33
N GLU A 79 -20.72 3.13 3.21
CA GLU A 79 -22.11 2.66 3.23
C GLU A 79 -22.11 1.11 3.33
N LEU A 80 -20.91 0.52 3.30
CA LEU A 80 -20.70 -0.88 3.64
C LEU A 80 -20.68 -1.03 5.16
N CYS A 81 -20.99 -2.23 5.64
CA CYS A 81 -21.06 -2.49 7.07
C CYS A 81 -19.62 -2.55 7.52
N GLN A 82 -19.39 -2.25 8.81
CA GLN A 82 -18.07 -2.16 9.39
C GLN A 82 -17.31 -3.46 9.26
N ASN A 83 -17.97 -4.62 9.33
CA ASN A 83 -17.22 -5.86 9.06
C ASN A 83 -16.44 -5.75 7.76
N ASP A 84 -17.17 -5.44 6.68
CA ASP A 84 -16.57 -5.47 5.32
C ASP A 84 -15.50 -4.38 5.09
N GLN A 85 -15.67 -3.25 5.73
CA GLN A 85 -14.67 -2.21 5.65
C GLN A 85 -13.37 -2.75 6.20
N ILE A 86 -13.45 -3.36 7.38
CA ILE A 86 -12.29 -3.97 8.04
C ILE A 86 -11.65 -5.12 7.18
N VAL A 87 -12.49 -5.91 6.53
CA VAL A 87 -12.01 -6.96 5.64
C VAL A 87 -11.25 -6.44 4.43
N LEU A 88 -11.85 -5.49 3.72
CA LEU A 88 -11.15 -4.80 2.61
C LEU A 88 -9.84 -4.13 3.04
N LEU A 89 -9.83 -3.50 4.21
CA LEU A 89 -8.59 -2.88 4.71
C LEU A 89 -7.49 -3.84 5.12
N LYS A 90 -7.81 -4.92 5.83
CA LYS A 90 -6.89 -6.03 6.23
C LYS A 90 -6.29 -6.74 5.01
N ALA A 91 -7.07 -6.89 3.95
CA ALA A 91 -6.62 -7.56 2.74
C ALA A 91 -5.91 -6.58 1.79
N GLY A 92 -6.33 -5.32 1.80
CA GLY A 92 -5.83 -4.39 0.75
C GLY A 92 -4.85 -3.31 1.14
N ALA A 93 -4.76 -2.95 2.42
CA ALA A 93 -3.99 -1.76 2.77
C ALA A 93 -2.52 -1.91 2.43
N MET A 94 -1.97 -3.11 2.70
CA MET A 94 -0.58 -3.43 2.39
C MET A 94 -0.33 -3.52 0.90
N GLU A 95 -1.30 -4.05 0.16
CA GLU A 95 -1.22 -4.15 -1.29
C GLU A 95 -1.09 -2.75 -1.85
N VAL A 96 -1.91 -1.82 -1.37
CA VAL A 96 -1.84 -0.42 -1.81
C VAL A 96 -0.54 0.24 -1.46
N VAL A 97 -0.04 0.01 -0.25
CA VAL A 97 1.31 0.48 0.10
C VAL A 97 2.39 -0.05 -0.89
N LEU A 98 2.33 -1.32 -1.21
CA LEU A 98 3.31 -1.86 -2.18
C LEU A 98 3.22 -1.19 -3.54
N VAL A 99 2.02 -0.85 -4.00
CA VAL A 99 1.87 -0.12 -5.26
C VAL A 99 2.36 1.31 -5.11
N ARG A 100 1.93 1.98 -4.05
CA ARG A 100 2.41 3.34 -3.76
C ARG A 100 3.93 3.38 -3.63
N MET A 101 4.53 2.28 -3.20
CA MET A 101 5.96 2.20 -3.13
C MET A 101 6.70 2.57 -4.46
N CYS A 102 6.15 2.27 -5.64
CA CYS A 102 6.93 2.44 -6.87
C CYS A 102 7.30 3.89 -7.12
N ARG A 103 6.45 4.77 -6.59
CA ARG A 103 6.68 6.21 -6.56
C ARG A 103 7.92 6.59 -5.80
N ALA A 104 8.12 5.95 -4.67
CA ALA A 104 9.21 6.25 -3.74
C ALA A 104 10.42 5.39 -4.02
N TYR A 105 10.38 4.71 -5.18
CA TYR A 105 11.44 3.75 -5.58
C TYR A 105 12.17 4.29 -6.81
N ASN A 106 13.49 4.37 -6.78
CA ASN A 106 14.33 4.63 -7.95
C ASN A 106 14.79 3.35 -8.65
N ALA A 107 14.26 3.09 -9.80
CA ALA A 107 14.65 1.98 -10.57
C ALA A 107 16.13 2.03 -11.03
N ASP A 108 16.73 3.21 -11.18
CA ASP A 108 18.11 3.32 -11.58
C ASP A 108 19.08 2.63 -10.67
N ASN A 109 18.84 2.65 -9.38
CA ASN A 109 19.80 2.04 -8.47
C ASN A 109 19.07 1.15 -7.48
N ARG A 110 17.80 0.87 -7.75
CA ARG A 110 16.94 0.02 -6.91
C ARG A 110 16.94 0.48 -5.45
N THR A 111 16.70 1.78 -5.23
CA THR A 111 16.61 2.31 -3.85
C THR A 111 15.19 2.80 -3.54
N VAL A 112 14.84 2.83 -2.25
CA VAL A 112 13.57 3.37 -1.78
C VAL A 112 13.82 4.56 -0.83
N PHE A 113 12.85 5.44 -0.79
CA PHE A 113 12.87 6.55 0.12
C PHE A 113 12.55 6.10 1.56
N PHE A 114 13.45 6.37 2.50
CA PHE A 114 13.26 5.96 3.89
C PHE A 114 13.94 6.95 4.81
N GLU A 115 13.21 7.54 5.75
CA GLU A 115 13.77 8.52 6.71
C GLU A 115 14.69 9.57 6.07
N GLY A 116 14.22 10.16 4.98
CA GLY A 116 14.80 11.37 4.45
C GLY A 116 15.81 11.16 3.36
N LYS A 117 16.22 9.90 3.14
CA LYS A 117 17.14 9.55 2.03
C LYS A 117 16.73 8.22 1.30
N TYR A 118 17.41 7.92 0.19
CA TYR A 118 17.22 6.69 -0.52
C TYR A 118 18.23 5.63 -0.11
N GLY A 119 17.70 4.47 0.23
CA GLY A 119 18.58 3.36 0.50
C GLY A 119 18.20 2.10 -0.22
N GLY A 120 19.18 1.25 -0.47
CA GLY A 120 18.95 -0.06 -1.05
C GLY A 120 18.45 -1.10 -0.05
N MET A 121 18.34 -2.33 -0.54
CA MET A 121 17.93 -3.46 0.27
C MET A 121 18.76 -3.63 1.55
N GLU A 122 20.07 -3.53 1.42
CA GLU A 122 21.00 -3.63 2.55
C GLU A 122 20.64 -2.71 3.72
N LEU A 123 19.98 -1.60 3.45
CA LEU A 123 19.55 -0.73 4.51
C LEU A 123 18.67 -1.50 5.51
N PHE A 124 17.98 -2.53 5.01
CA PHE A 124 17.00 -3.28 5.83
C PHE A 124 17.41 -4.61 6.40
N ARG A 125 18.72 -4.92 6.33
CA ARG A 125 19.22 -6.21 6.78
C ARG A 125 18.93 -6.59 8.25
N ALA A 126 18.82 -5.64 9.18
CA ALA A 126 18.59 -5.99 10.60
C ALA A 126 17.17 -6.50 10.86
N LEU A 127 16.27 -6.29 9.91
CA LEU A 127 14.90 -6.89 9.97
C LEU A 127 14.90 -8.41 9.91
N GLY A 128 15.89 -9.00 9.27
CA GLY A 128 16.06 -10.43 9.33
C GLY A 128 15.08 -11.16 8.47
N CYS A 129 14.75 -10.55 7.32
CA CYS A 129 13.71 -11.07 6.44
C CYS A 129 13.98 -10.69 4.98
N SER A 130 15.03 -11.29 4.47
CA SER A 130 15.76 -10.74 3.38
C SER A 130 15.26 -11.22 2.01
N GLU A 131 14.70 -12.43 1.95
CA GLU A 131 13.98 -12.93 0.77
C GLU A 131 12.74 -12.05 0.52
N LEU A 132 12.10 -11.64 1.60
CA LEU A 132 10.95 -10.77 1.47
C LEU A 132 11.33 -9.39 0.91
N ILE A 133 12.36 -8.74 1.45
CA ILE A 133 12.77 -7.40 0.98
C ILE A 133 13.14 -7.46 -0.50
N SER A 134 13.88 -8.49 -0.86
CA SER A 134 14.21 -8.72 -2.27
C SER A 134 12.98 -8.90 -3.20
N SER A 135 12.01 -9.71 -2.81
CA SER A 135 10.70 -9.82 -3.49
C SER A 135 9.98 -8.50 -3.67
N ILE A 136 9.94 -7.70 -2.59
CA ILE A 136 9.29 -6.39 -2.60
C ILE A 136 9.96 -5.37 -3.55
N PHE A 137 11.29 -5.29 -3.53
CA PHE A 137 12.06 -4.48 -4.48
C PHE A 137 11.94 -5.01 -5.93
N ASP A 138 11.76 -6.30 -6.10
CA ASP A 138 11.52 -6.85 -7.44
C ASP A 138 10.16 -6.41 -7.94
N PHE A 139 9.15 -6.49 -7.10
CA PHE A 139 7.80 -6.08 -7.47
C PHE A 139 7.81 -4.60 -7.83
N SER A 140 8.39 -3.82 -6.94
CA SER A 140 8.46 -2.40 -7.17
C SER A 140 9.17 -2.11 -8.50
N HIS A 141 10.24 -2.85 -8.79
CA HIS A 141 10.97 -2.66 -10.03
C HIS A 141 10.16 -3.02 -11.28
N SER A 142 9.35 -4.06 -11.20
CA SER A 142 8.54 -4.46 -12.38
C SER A 142 7.44 -3.42 -12.57
N LEU A 143 6.98 -2.83 -11.48
CA LEU A 143 5.95 -1.84 -11.54
C LEU A 143 6.44 -0.55 -12.20
N SER A 144 7.72 -0.21 -11.97
CA SER A 144 8.31 1.03 -12.52
C SER A 144 8.43 0.98 -14.02
N ALA A 145 8.65 -0.23 -14.54
CA ALA A 145 8.70 -0.46 -15.97
C ALA A 145 7.36 -0.05 -16.63
N LEU A 146 6.25 -0.14 -15.92
CA LEU A 146 4.94 0.41 -16.39
C LEU A 146 4.83 1.89 -16.54
N HIS A 147 5.68 2.64 -15.84
CA HIS A 147 5.61 4.12 -15.86
C HIS A 147 4.19 4.65 -15.58
N PHE A 148 3.64 4.28 -14.44
CA PHE A 148 2.32 4.81 -14.03
C PHE A 148 2.27 6.32 -13.87
N SER A 149 1.16 6.91 -14.24
CA SER A 149 0.89 8.26 -13.85
C SER A 149 0.29 8.24 -12.44
N GLU A 150 0.21 9.41 -11.85
CA GLU A 150 -0.57 9.59 -10.63
C GLU A 150 -2.01 9.16 -10.81
N ASP A 151 -2.71 9.65 -11.84
CA ASP A 151 -4.05 9.18 -12.12
C ASP A 151 -4.21 7.65 -12.20
N GLU A 152 -3.27 6.98 -12.85
CA GLU A 152 -3.31 5.49 -12.95
C GLU A 152 -3.04 4.77 -11.63
N ILE A 153 -2.14 5.32 -10.83
CA ILE A 153 -1.96 4.86 -9.45
C ILE A 153 -3.25 5.00 -8.64
N ALA A 154 -3.92 6.15 -8.77
CA ALA A 154 -5.21 6.38 -8.09
C ALA A 154 -6.23 5.32 -8.46
N LEU A 155 -6.41 5.12 -9.75
CA LEU A 155 -7.49 4.30 -10.20
C LEU A 155 -7.18 2.86 -9.91
N TYR A 156 -5.92 2.47 -10.14
CA TYR A 156 -5.54 1.09 -9.89
C TYR A 156 -5.64 0.74 -8.41
N THR A 157 -5.06 1.57 -7.53
CA THR A 157 -5.11 1.24 -6.09
C THR A 157 -6.52 1.31 -5.52
N ALA A 158 -7.39 2.15 -6.09
CA ALA A 158 -8.79 2.06 -5.67
C ALA A 158 -9.35 0.63 -5.92
N LEU A 159 -8.87 0.00 -7.00
CA LEU A 159 -9.34 -1.30 -7.46
C LEU A 159 -8.72 -2.43 -6.65
N VAL A 160 -7.46 -2.27 -6.23
CA VAL A 160 -6.90 -3.25 -5.32
C VAL A 160 -7.70 -3.27 -4.01
N LEU A 161 -8.16 -2.12 -3.56
CA LEU A 161 -8.88 -2.06 -2.31
C LEU A 161 -10.29 -2.62 -2.44
N ILE A 162 -11.00 -2.21 -3.50
CA ILE A 162 -12.43 -2.54 -3.62
C ILE A 162 -12.58 -3.81 -4.46
N ASN A 163 -12.53 -4.94 -3.78
CA ASN A 163 -12.50 -6.22 -4.43
C ASN A 163 -13.51 -7.17 -3.74
N ALA A 164 -14.44 -7.70 -4.54
CA ALA A 164 -15.56 -8.48 -4.07
C ALA A 164 -15.19 -9.94 -3.77
N HIS A 165 -14.06 -10.38 -4.30
CA HIS A 165 -13.51 -11.68 -3.95
C HIS A 165 -12.78 -11.79 -2.56
N ARG A 166 -12.47 -10.65 -1.92
CA ARG A 166 -11.83 -10.72 -0.59
C ARG A 166 -12.56 -11.74 0.31
N PRO A 167 -11.83 -12.70 0.92
CA PRO A 167 -12.56 -13.63 1.83
C PRO A 167 -13.03 -12.89 3.11
N GLY A 168 -14.22 -13.25 3.61
CA GLY A 168 -14.71 -12.73 4.89
C GLY A 168 -15.82 -11.71 4.71
N LEU A 169 -16.03 -11.27 3.47
CA LEU A 169 -17.12 -10.35 3.18
C LEU A 169 -18.53 -10.90 3.51
N GLN A 170 -19.33 -10.10 4.21
CA GLN A 170 -20.76 -10.39 4.35
C GLN A 170 -21.55 -9.96 3.13
N GLU A 171 -21.34 -8.73 2.67
CA GLU A 171 -22.15 -8.20 1.58
C GLU A 171 -21.34 -7.99 0.33
N LYS A 172 -20.82 -9.12 -0.14
CA LYS A 172 -20.19 -9.40 -1.42
C LYS A 172 -20.84 -8.69 -2.62
N ARG A 173 -22.15 -8.73 -2.70
CA ARG A 173 -22.85 -8.10 -3.82
C ARG A 173 -22.82 -6.57 -3.77
N LYS A 174 -22.91 -5.97 -2.59
CA LYS A 174 -22.68 -4.55 -2.53
C LYS A 174 -21.29 -4.16 -2.96
N VAL A 175 -20.29 -4.92 -2.62
CA VAL A 175 -18.99 -4.56 -3.11
C VAL A 175 -18.73 -4.91 -4.55
N GLU A 176 -19.34 -5.94 -5.10
CA GLU A 176 -19.25 -6.14 -6.55
C GLU A 176 -19.69 -4.89 -7.31
N GLN A 177 -20.78 -4.29 -6.87
CA GLN A 177 -21.30 -3.06 -7.46
C GLN A 177 -20.31 -1.94 -7.43
N LEU A 178 -19.79 -1.68 -6.24
CA LEU A 178 -18.73 -0.67 -6.06
C LEU A 178 -17.53 -0.92 -6.97
N GLN A 179 -17.05 -2.16 -7.02
CA GLN A 179 -15.83 -2.53 -7.78
C GLN A 179 -16.03 -2.41 -9.32
N TYR A 180 -17.20 -2.86 -9.74
CA TYR A 180 -17.66 -2.79 -11.12
C TYR A 180 -17.55 -1.37 -11.69
N ASN A 181 -18.06 -0.39 -10.94
CA ASN A 181 -17.95 0.99 -11.34
C ASN A 181 -16.53 1.52 -11.36
N LEU A 182 -15.73 1.13 -10.37
CA LEU A 182 -14.28 1.53 -10.36
C LEU A 182 -13.54 0.80 -11.48
N GLU A 183 -13.96 -0.41 -11.81
CA GLU A 183 -13.36 -1.08 -12.97
C GLU A 183 -13.61 -0.22 -14.21
N LEU A 184 -14.83 0.28 -14.30
CA LEU A 184 -15.26 1.10 -15.41
C LEU A 184 -14.51 2.42 -15.47
N ALA A 185 -14.32 3.07 -14.32
CA ALA A 185 -13.59 4.34 -14.26
C ALA A 185 -12.14 4.16 -14.71
N PHE A 186 -11.51 3.11 -14.19
CA PHE A 186 -10.15 2.76 -14.56
C PHE A 186 -9.98 2.46 -16.07
N HIS A 187 -10.81 1.54 -16.59
CA HIS A 187 -10.80 1.24 -18.04
C HIS A 187 -11.10 2.47 -18.86
N HIS A 188 -12.01 3.29 -18.38
CA HIS A 188 -12.37 4.53 -19.06
C HIS A 188 -11.24 5.52 -19.22
N HIS A 189 -10.57 5.85 -18.12
CA HIS A 189 -9.42 6.70 -18.13
C HIS A 189 -8.28 6.12 -18.96
N LEU A 190 -8.04 4.83 -18.92
CA LEU A 190 -7.02 4.27 -19.85
C LEU A 190 -7.37 4.40 -21.36
N CYS A 191 -8.59 4.09 -21.78
CA CYS A 191 -8.84 4.27 -23.21
C CYS A 191 -8.87 5.73 -23.64
N LYS A 192 -9.36 6.64 -22.79
CA LYS A 192 -9.18 8.10 -23.04
C LYS A 192 -7.75 8.55 -23.25
N THR A 193 -6.83 7.99 -22.48
CA THR A 193 -5.42 8.41 -22.51
C THR A 193 -4.55 7.48 -23.34
N HIS A 194 -5.16 6.49 -24.00
CA HIS A 194 -4.46 5.61 -24.94
C HIS A 194 -3.39 4.77 -24.23
N ARG A 195 -3.57 4.52 -22.94
CA ARG A 195 -2.84 3.47 -22.25
C ARG A 195 -3.87 2.37 -22.40
N GLN A 196 -3.86 1.32 -21.62
CA GLN A 196 -4.78 0.16 -21.90
C GLN A 196 -3.97 -0.98 -22.47
N SER A 197 -2.95 -0.63 -23.24
CA SER A 197 -1.76 -1.47 -23.46
C SER A 197 -1.14 -2.01 -22.17
N ILE A 198 -1.43 -1.39 -21.02
CA ILE A 198 -0.83 -1.85 -19.77
C ILE A 198 -1.71 -2.84 -19.01
N LEU A 199 -2.88 -3.19 -19.55
CA LEU A 199 -3.78 -4.12 -18.84
C LEU A 199 -3.22 -5.54 -18.72
N ALA A 200 -2.54 -6.00 -19.77
CA ALA A 200 -1.87 -7.31 -19.76
C ALA A 200 -0.50 -7.23 -19.08
N LYS A 201 0.11 -6.04 -19.10
CA LYS A 201 1.37 -5.76 -18.39
C LYS A 201 1.20 -5.71 -16.84
N LEU A 202 -0.03 -5.45 -16.37
CA LEU A 202 -0.28 -5.36 -14.92
C LEU A 202 0.03 -6.67 -14.21
N PRO A 203 0.51 -6.60 -12.95
CA PRO A 203 0.75 -7.82 -12.17
C PRO A 203 -0.52 -8.62 -11.95
N PRO A 204 -0.38 -9.96 -11.86
CA PRO A 204 -1.41 -10.77 -11.17
C PRO A 204 -1.35 -10.41 -9.64
N LYS A 205 -2.35 -10.58 -8.77
CA LYS A 205 -3.55 -11.38 -8.88
C LYS A 205 -3.30 -12.66 -9.65
N GLY A 206 -2.34 -13.48 -9.15
CA GLY A 206 -1.87 -13.50 -7.74
C GLY A 206 -0.97 -12.43 -7.18
N LYS A 207 0.33 -12.79 -7.04
CA LYS A 207 1.49 -11.88 -6.86
C LYS A 207 1.52 -10.91 -5.67
N LEU A 208 0.59 -9.96 -5.67
CA LEU A 208 0.44 -9.07 -4.53
C LEU A 208 0.02 -9.85 -3.30
N ARG A 209 -0.87 -10.81 -3.51
CA ARG A 209 -1.39 -11.62 -2.41
C ARG A 209 -0.22 -12.39 -1.79
N SER A 210 0.69 -12.81 -2.65
CA SER A 210 1.82 -13.60 -2.28
C SER A 210 2.80 -12.73 -1.48
N LEU A 211 2.96 -11.48 -1.91
CA LEU A 211 3.77 -10.49 -1.22
C LEU A 211 3.26 -10.23 0.19
N CYS A 212 1.95 -10.00 0.29
CA CYS A 212 1.28 -9.79 1.57
C CYS A 212 1.36 -10.95 2.54
N SER A 213 1.08 -12.16 2.05
CA SER A 213 1.23 -13.36 2.89
C SER A 213 2.67 -13.47 3.45
N GLN A 214 3.66 -13.39 2.57
CA GLN A 214 5.06 -13.34 2.96
C GLN A 214 5.35 -12.31 4.07
N HIS A 215 4.75 -11.13 3.98
CA HIS A 215 5.00 -10.15 5.02
C HIS A 215 4.42 -10.60 6.37
N VAL A 216 3.24 -11.19 6.35
CA VAL A 216 2.57 -11.67 7.57
C VAL A 216 3.30 -12.85 8.19
N GLU A 217 3.72 -13.80 7.35
CA GLU A 217 4.58 -14.92 7.75
C GLU A 217 5.80 -14.42 8.47
N ARG A 218 6.47 -13.46 7.86
CA ARG A 218 7.68 -12.90 8.42
C ARG A 218 7.47 -12.21 9.76
N LEU A 219 6.39 -11.43 9.82
CA LEU A 219 5.96 -10.80 11.03
C LEU A 219 5.70 -11.88 12.10
N GLN A 220 5.12 -13.01 11.70
CA GLN A 220 4.76 -14.03 12.64
C GLN A 220 5.96 -14.71 13.24
N ILE A 221 6.98 -14.96 12.44
CA ILE A 221 8.27 -15.45 12.93
C ILE A 221 8.83 -14.38 13.92
N PHE A 222 8.81 -13.11 13.52
CA PHE A 222 9.31 -12.04 14.37
C PHE A 222 8.63 -12.06 15.77
N GLN A 223 7.29 -12.07 15.80
CA GLN A 223 6.50 -12.25 17.01
C GLN A 223 6.84 -13.45 17.86
N HIS A 224 7.20 -14.58 17.24
CA HIS A 224 7.63 -15.69 18.05
C HIS A 224 8.80 -15.27 18.96
N LEU A 225 9.76 -14.54 18.40
CA LEU A 225 10.97 -14.25 19.16
C LEU A 225 10.78 -12.98 20.00
N HIS A 226 9.76 -12.18 19.66
CA HIS A 226 9.49 -10.90 20.34
C HIS A 226 7.99 -10.67 20.50
N PRO A 227 7.28 -11.54 21.26
CA PRO A 227 5.80 -11.51 21.31
C PRO A 227 5.17 -10.18 21.77
N ILE A 228 5.81 -9.59 22.78
CA ILE A 228 5.25 -8.45 23.43
C ILE A 228 5.72 -7.12 22.75
N VAL A 229 6.82 -7.18 21.99
CA VAL A 229 7.17 -6.06 21.08
C VAL A 229 5.94 -5.71 20.22
N VAL A 230 5.40 -6.67 19.46
CA VAL A 230 4.23 -6.40 18.61
C VAL A 230 3.07 -5.89 19.46
N GLN A 231 2.68 -6.67 20.47
CA GLN A 231 1.56 -6.24 21.31
C GLN A 231 1.72 -4.90 22.07
N ALA A 232 2.95 -4.50 22.42
CA ALA A 232 3.13 -3.28 23.23
C ALA A 232 3.89 -2.15 22.56
N ALA A 233 4.69 -2.43 21.54
CA ALA A 233 5.56 -1.40 20.96
C ALA A 233 5.10 -0.97 19.58
N PHE A 234 4.61 -1.92 18.81
CA PHE A 234 4.12 -1.63 17.48
C PHE A 234 2.90 -0.78 17.50
N PRO A 235 2.74 0.09 16.46
CA PRO A 235 1.46 0.76 16.36
C PRO A 235 0.35 -0.29 16.34
N PRO A 236 -0.72 0.01 17.10
CA PRO A 236 -1.94 -0.79 17.26
C PRO A 236 -2.58 -1.06 15.90
N LEU A 237 -2.67 -0.03 15.07
CA LEU A 237 -3.22 -0.20 13.71
C LEU A 237 -2.50 -1.29 12.91
N TYR A 238 -1.17 -1.32 13.02
CA TYR A 238 -0.35 -2.37 12.37
C TYR A 238 -0.62 -3.73 12.97
N LYS A 239 -0.58 -3.78 14.29
CA LYS A 239 -0.94 -5.01 15.01
C LYS A 239 -2.34 -5.52 14.55
N GLU A 240 -3.32 -4.62 14.57
CA GLU A 240 -4.68 -4.97 14.18
C GLU A 240 -4.82 -5.53 12.73
N LEU A 241 -4.03 -5.02 11.81
CA LEU A 241 -4.18 -5.38 10.42
C LEU A 241 -3.45 -6.65 10.08
N PHE A 242 -2.34 -6.85 10.76
CA PHE A 242 -1.37 -7.85 10.36
C PHE A 242 -1.28 -9.01 11.32
N SER A 243 -1.70 -8.85 12.57
CA SER A 243 -1.69 -10.00 13.46
C SER A 243 -2.87 -10.07 14.42
N LYS B 1 -5.95 0.19 24.37
CA LYS B 1 -7.36 0.58 24.65
C LYS B 1 -8.36 -0.39 24.00
N HIS B 2 -8.13 -0.70 22.72
CA HIS B 2 -8.95 -1.58 21.87
C HIS B 2 -9.16 -0.99 20.45
N LYS B 3 -9.40 -1.87 19.48
CA LYS B 3 -10.08 -1.58 18.21
C LYS B 3 -9.90 -0.17 17.55
N ILE B 4 -8.67 0.09 17.10
CA ILE B 4 -8.27 1.35 16.45
C ILE B 4 -8.83 1.46 15.01
N LEU B 5 -9.08 0.33 14.37
CA LEU B 5 -9.77 0.35 13.08
C LEU B 5 -11.18 0.91 13.14
N HIS B 6 -11.99 0.35 14.03
CA HIS B 6 -13.31 0.94 14.41
C HIS B 6 -13.21 2.48 14.56
N ARG B 7 -12.26 2.97 15.35
CA ARG B 7 -12.11 4.39 15.60
C ARG B 7 -11.81 5.24 14.38
N LEU B 8 -10.81 4.81 13.61
CA LEU B 8 -10.43 5.47 12.34
C LEU B 8 -11.58 5.55 11.36
N LEU B 9 -12.41 4.52 11.36
CA LEU B 9 -13.56 4.46 10.48
C LEU B 9 -14.72 5.34 10.90
N GLN B 10 -14.96 5.44 12.22
CA GLN B 10 -16.05 6.27 12.75
C GLN B 10 -15.69 7.76 12.75
N ASP B 11 -14.42 8.07 12.93
CA ASP B 11 -13.97 9.45 13.06
C ASP B 11 -13.89 10.29 11.79
N SER B 12 -14.92 11.12 11.58
CA SER B 12 -14.92 12.21 10.58
C SER B 12 -13.75 13.22 10.74
C1 HC2 C . 5.79 3.31 0.40
C2 HC2 C . 4.97 4.56 0.00
C3 HC2 C . 4.79 5.62 1.11
C4 HC2 C . 6.11 5.90 1.85
C5 HC2 C . 6.61 4.59 2.41
C6 HC2 C . 6.76 4.47 3.75
C7 HC2 C . 7.56 3.35 4.43
C8 HC2 C . 8.16 2.36 3.43
C9 HC2 C . 7.20 2.18 2.21
C10 HC2 C . 6.95 3.47 1.42
C11 HC2 C . 7.68 1.06 1.27
C12 HC2 C . 8.19 -0.23 1.91
C13 HC2 C . 9.13 0.02 3.11
C14 HC2 C . 8.43 0.99 4.04
C15 HC2 C . 9.14 0.87 5.39
C16 HC2 C . 9.57 -0.59 5.42
C17 HC2 C . 9.21 -1.18 4.04
C18 HC2 C . 10.47 0.58 2.60
C19 HC2 C . 8.23 3.86 0.64
C20 HC2 C . 10.04 -2.42 3.60
C21 HC2 C . 9.65 -2.99 2.23
C22 HC2 C . 9.84 -3.59 4.60
C23 HC2 C . 8.36 -3.89 4.92
C24 HC2 C . 8.21 -5.00 5.97
C25 HC2 C . 8.56 -4.52 7.39
C26 HC2 C . 7.41 -3.83 8.15
C27 HC2 C . 9.11 -5.68 8.18
O1 HC2 C . 4.25 6.85 0.61
O2 HC2 C . 11.44 -2.03 3.64
#